data_3HYP
#
_entry.id   3HYP
#
_cell.length_a   94.506
_cell.length_b   94.506
_cell.length_c   82.539
_cell.angle_alpha   90.000
_cell.angle_beta   90.000
_cell.angle_gamma   90.000
#
_symmetry.space_group_name_H-M   'P 41 21 2'
#
loop_
_entity.id
_entity.type
_entity.pdbx_description
1 polymer Thioredoxin
2 non-polymer 'ZINC ION'
3 water water
#
_entity_poly.entity_id   1
_entity_poly.type   'polypeptide(L)'
_entity_poly.pdbx_seq_one_letter_code
;KGTSENKSTTATDTVQAEKPQSGTIHLTRAEFLKKIADYENHSKEWKYLGDKPAIVDFYADWCGPCKMVAPILEELSKEY
AGKIYIYKVNVDKEPELARDFGIQGIPTIWFVPMKGEPQVNMGALSKEQLKGYIDKVLLKQ
;
_entity_poly.pdbx_strand_id   A,B
#
loop_
_chem_comp.id
_chem_comp.type
_chem_comp.name
_chem_comp.formula
ZN non-polymer 'ZINC ION' 'Zn 2'
#
# COMPACT_ATOMS: atom_id res chain seq x y z
N GLY A 23 -12.13 -21.45 22.38
CA GLY A 23 -11.35 -20.51 23.16
C GLY A 23 -10.55 -19.54 22.31
N THR A 24 -9.23 -19.64 22.42
CA THR A 24 -8.32 -18.73 21.70
C THR A 24 -8.18 -19.10 20.23
N ILE A 25 -8.05 -18.08 19.38
CA ILE A 25 -7.87 -18.25 17.94
C ILE A 25 -6.43 -18.00 17.47
N HIS A 26 -5.84 -18.99 16.82
CA HIS A 26 -4.56 -18.78 16.18
C HIS A 26 -4.71 -18.00 14.88
N LEU A 27 -3.74 -17.15 14.56
CA LEU A 27 -3.73 -16.38 13.31
C LEU A 27 -2.53 -16.65 12.41
N THR A 28 -2.78 -16.83 11.12
CA THR A 28 -1.70 -16.71 10.13
C THR A 28 -1.55 -15.25 9.74
N ARG A 29 -0.50 -14.92 8.99
CA ARG A 29 -0.34 -13.55 8.52
C ARG A 29 -1.52 -13.16 7.63
N ALA A 30 -1.94 -14.07 6.77
CA ALA A 30 -3.03 -13.78 5.84
C ALA A 30 -4.34 -13.55 6.57
N GLU A 31 -4.57 -14.30 7.63
CA GLU A 31 -5.74 -14.07 8.47
C GLU A 31 -5.61 -12.75 9.22
N PHE A 32 -4.40 -12.46 9.70
CA PHE A 32 -4.10 -11.19 10.34
C PHE A 32 -4.55 -10.03 9.47
N LEU A 33 -4.28 -10.12 8.18
CA LEU A 33 -4.61 -9.05 7.24
C LEU A 33 -6.11 -8.89 7.07
N LYS A 34 -6.85 -9.96 7.32
CA LYS A 34 -8.29 -9.94 7.17
C LYS A 34 -8.97 -9.48 8.45
N LYS A 35 -8.43 -9.91 9.59
CA LYS A 35 -9.13 -9.76 10.87
C LYS A 35 -8.49 -8.78 11.85
N ILE A 36 -7.24 -8.44 11.64
CA ILE A 36 -6.60 -7.44 12.49
C ILE A 36 -6.40 -6.12 11.73
N ALA A 37 -5.32 -6.03 10.97
CA ALA A 37 -5.05 -4.85 10.17
C ALA A 37 -4.39 -5.26 8.87
N ASP A 38 -4.86 -4.70 7.75
CA ASP A 38 -4.19 -4.89 6.47
C ASP A 38 -3.01 -3.93 6.44
N TYR A 39 -1.95 -4.29 7.15
CA TYR A 39 -0.94 -3.34 7.60
C TYR A 39 0.10 -2.90 6.56
N GLU A 40 0.45 -3.79 5.63
CA GLU A 40 1.48 -3.46 4.65
C GLU A 40 1.06 -2.30 3.75
N ASN A 41 2.04 -1.58 3.23
CA ASN A 41 1.80 -0.55 2.23
C ASN A 41 1.67 -1.17 0.84
N HIS A 42 0.68 -2.03 0.65
CA HIS A 42 0.52 -2.74 -0.60
C HIS A 42 -0.89 -2.54 -1.15
N SER A 43 -1.54 -1.49 -0.65
CA SER A 43 -2.93 -1.19 -1.01
C SER A 43 -3.08 -0.06 -2.03
N LYS A 44 -1.99 0.68 -2.24
CA LYS A 44 -1.97 1.84 -3.14
C LYS A 44 -2.58 1.54 -4.51
N GLU A 45 -3.56 2.32 -4.90
CA GLU A 45 -4.24 2.10 -6.16
C GLU A 45 -4.01 3.25 -7.12
N TRP A 46 -3.67 2.90 -8.36
CA TRP A 46 -3.52 3.88 -9.42
C TRP A 46 -4.89 4.48 -9.67
N LYS A 47 -5.04 5.74 -9.30
CA LYS A 47 -6.29 6.44 -9.49
C LYS A 47 -6.07 7.64 -10.39
N TYR A 48 -6.15 7.43 -11.70
CA TYR A 48 -5.95 8.47 -12.70
C TYR A 48 -6.83 9.69 -12.44
N LEU A 49 -6.27 10.87 -12.61
CA LEU A 49 -6.96 12.09 -12.18
C LEU A 49 -7.56 12.92 -13.31
N GLY A 50 -7.20 12.60 -14.55
CA GLY A 50 -7.70 13.38 -15.68
C GLY A 50 -9.16 13.08 -16.00
N ASP A 51 -9.73 13.89 -16.88
CA ASP A 51 -11.10 13.66 -17.31
C ASP A 51 -11.10 13.07 -18.71
N LYS A 52 -9.92 12.94 -19.29
CA LYS A 52 -9.75 12.27 -20.57
C LYS A 52 -8.50 11.39 -20.52
N PRO A 53 -8.48 10.32 -21.34
CA PRO A 53 -7.27 9.52 -21.52
C PRO A 53 -6.08 10.39 -21.95
N ALA A 54 -4.88 9.93 -21.64
CA ALA A 54 -3.69 10.75 -21.84
C ALA A 54 -2.45 9.95 -22.20
N ILE A 55 -1.59 10.55 -23.01
CA ILE A 55 -0.27 10.04 -23.21
C ILE A 55 0.68 10.86 -22.36
N VAL A 56 1.54 10.20 -21.61
CA VAL A 56 2.62 10.90 -20.92
C VAL A 56 3.97 10.55 -21.53
N ASP A 57 4.59 11.55 -22.13
CA ASP A 57 5.86 11.33 -22.78
C ASP A 57 7.03 11.80 -21.92
N PHE A 58 7.88 10.87 -21.55
CA PHE A 58 9.10 11.21 -20.84
C PHE A 58 10.20 11.44 -21.86
N TYR A 59 10.86 12.59 -21.76
CA TYR A 59 11.90 12.95 -22.74
C TYR A 59 13.06 13.68 -22.05
N ALA A 60 14.13 13.88 -22.81
CA ALA A 60 15.30 14.59 -22.30
C ALA A 60 16.01 15.23 -23.48
N ASP A 61 16.80 16.27 -23.20
CA ASP A 61 17.47 16.98 -24.28
C ASP A 61 18.60 16.16 -24.88
N TRP A 62 19.16 15.25 -24.09
CA TRP A 62 20.22 14.39 -24.60
C TRP A 62 19.67 13.23 -25.44
N CYS A 63 18.36 13.17 -25.58
CA CYS A 63 17.72 12.04 -26.26
C CYS A 63 17.54 12.27 -27.76
N GLY A 64 18.32 11.54 -28.56
CA GLY A 64 18.23 11.63 -30.00
C GLY A 64 16.87 11.28 -30.59
N PRO A 65 16.40 10.04 -30.40
CA PRO A 65 15.17 9.63 -31.09
C PRO A 65 14.04 10.60 -30.78
N CYS A 66 13.99 11.12 -29.55
CA CYS A 66 12.95 12.08 -29.16
C CYS A 66 12.78 13.17 -30.23
N LYS A 67 13.92 13.67 -30.72
CA LYS A 67 13.89 14.76 -31.69
C LYS A 67 12.86 14.52 -32.79
N MET A 68 12.79 13.29 -33.29
CA MET A 68 11.85 13.00 -34.36
C MET A 68 10.49 12.51 -33.83
N VAL A 69 10.40 12.32 -32.52
CA VAL A 69 9.15 11.89 -31.91
C VAL A 69 8.33 13.10 -31.51
N ALA A 70 9.01 14.19 -31.21
CA ALA A 70 8.32 15.40 -30.77
C ALA A 70 7.31 15.89 -31.81
N PRO A 71 7.78 16.23 -33.02
CA PRO A 71 6.90 16.74 -34.07
C PRO A 71 5.66 15.88 -34.20
N ILE A 72 5.85 14.57 -34.32
CA ILE A 72 4.71 13.68 -34.42
C ILE A 72 3.74 13.99 -33.29
N LEU A 73 4.19 13.85 -32.05
CA LEU A 73 3.31 14.05 -30.91
C LEU A 73 2.50 15.33 -31.00
N GLU A 74 3.16 16.45 -31.28
CA GLU A 74 2.46 17.72 -31.48
C GLU A 74 1.36 17.57 -32.50
N GLU A 75 1.67 16.98 -33.65
CA GLU A 75 0.67 16.73 -34.67
C GLU A 75 -0.53 15.99 -34.10
N LEU A 76 -0.26 14.85 -33.46
CA LEU A 76 -1.30 14.05 -32.82
C LEU A 76 -2.11 14.80 -31.77
N SER A 77 -1.49 15.78 -31.13
CA SER A 77 -2.16 16.61 -30.15
C SER A 77 -3.37 17.28 -30.80
N LYS A 78 -3.19 17.70 -32.05
CA LYS A 78 -4.26 18.33 -32.83
C LYS A 78 -5.26 17.26 -33.30
N GLU A 79 -4.77 16.30 -34.07
CA GLU A 79 -5.63 15.28 -34.66
C GLU A 79 -6.58 14.66 -33.63
N TYR A 80 -6.19 14.69 -32.36
CA TYR A 80 -6.96 14.06 -31.31
C TYR A 80 -7.38 15.04 -30.21
N ALA A 81 -7.21 16.33 -30.46
CA ALA A 81 -7.66 17.34 -29.51
C ALA A 81 -9.08 17.02 -29.04
N GLY A 82 -9.37 17.34 -27.78
CA GLY A 82 -10.67 17.11 -27.20
C GLY A 82 -10.89 15.70 -26.69
N LYS A 83 -10.29 14.72 -27.37
CA LYS A 83 -10.44 13.32 -26.99
C LYS A 83 -9.35 12.83 -26.02
N ILE A 84 -8.12 13.32 -26.19
CA ILE A 84 -7.03 12.97 -25.29
C ILE A 84 -6.11 14.15 -24.99
N TYR A 85 -5.45 14.10 -23.83
CA TYR A 85 -4.35 15.02 -23.56
C TYR A 85 -3.03 14.32 -23.86
N ILE A 86 -2.05 15.08 -24.33
CA ILE A 86 -0.70 14.56 -24.50
C ILE A 86 0.30 15.37 -23.69
N TYR A 87 0.82 14.76 -22.62
CA TYR A 87 1.75 15.46 -21.73
C TYR A 87 3.20 15.10 -22.01
N LYS A 88 4.09 16.03 -21.70
CA LYS A 88 5.52 15.79 -21.84
C LYS A 88 6.23 16.08 -20.53
N VAL A 89 7.08 15.15 -20.10
CA VAL A 89 7.85 15.35 -18.87
C VAL A 89 9.33 15.32 -19.17
N ASN A 90 10.03 16.37 -18.77
CA ASN A 90 11.46 16.46 -19.00
C ASN A 90 12.16 15.87 -17.79
N VAL A 91 12.66 14.65 -17.96
CA VAL A 91 13.29 13.93 -16.87
C VAL A 91 14.47 14.68 -16.23
N ASP A 92 15.12 15.56 -16.99
CA ASP A 92 16.26 16.30 -16.45
C ASP A 92 15.82 17.31 -15.40
N LYS A 93 14.59 17.79 -15.54
CA LYS A 93 14.10 18.83 -14.65
C LYS A 93 13.18 18.23 -13.58
N GLU A 94 12.92 16.93 -13.70
CA GLU A 94 12.04 16.26 -12.74
C GLU A 94 12.63 14.94 -12.31
N PRO A 95 13.75 14.99 -11.59
CA PRO A 95 14.45 13.74 -11.26
C PRO A 95 13.58 12.81 -10.41
N GLU A 96 12.90 13.35 -9.39
CA GLU A 96 12.12 12.50 -8.50
C GLU A 96 11.10 11.69 -9.27
N LEU A 97 10.42 12.36 -10.20
CA LEU A 97 9.39 11.72 -11.00
C LEU A 97 10.01 10.57 -11.78
N ALA A 98 11.11 10.85 -12.48
CA ALA A 98 11.80 9.81 -13.22
C ALA A 98 12.20 8.68 -12.27
N ARG A 99 12.94 9.02 -11.23
CA ARG A 99 13.39 8.04 -10.26
C ARG A 99 12.22 7.22 -9.69
N ASP A 100 11.25 7.91 -9.08
CA ASP A 100 10.10 7.26 -8.47
C ASP A 100 9.44 6.21 -9.39
N PHE A 101 9.39 6.48 -10.69
CA PHE A 101 8.72 5.58 -11.62
C PHE A 101 9.66 4.61 -12.36
N GLY A 102 10.91 4.55 -11.91
CA GLY A 102 11.83 3.56 -12.42
C GLY A 102 12.03 3.65 -13.91
N ILE A 103 12.12 4.88 -14.40
CA ILE A 103 12.48 5.16 -15.78
C ILE A 103 13.82 4.49 -16.13
N GLN A 104 13.79 3.54 -17.07
CA GLN A 104 14.97 2.76 -17.43
C GLN A 104 15.79 3.41 -18.53
N GLY A 105 15.11 4.12 -19.42
CA GLY A 105 15.76 4.79 -20.54
C GLY A 105 14.81 5.77 -21.21
N ILE A 106 15.30 6.47 -22.22
CA ILE A 106 14.56 7.53 -22.87
C ILE A 106 14.56 7.34 -24.37
N PRO A 107 13.40 7.53 -25.02
CA PRO A 107 12.15 7.93 -24.36
C PRO A 107 11.32 6.77 -23.82
N THR A 108 10.66 7.02 -22.69
CA THR A 108 9.61 6.15 -22.20
C THR A 108 8.31 6.86 -22.48
N ILE A 109 7.28 6.12 -22.86
CA ILE A 109 6.00 6.71 -23.18
C ILE A 109 4.90 5.96 -22.46
N TRP A 110 3.97 6.70 -21.87
CA TRP A 110 2.85 6.06 -21.17
C TRP A 110 1.56 6.29 -21.91
N PHE A 111 0.73 5.25 -21.95
CA PHE A 111 -0.64 5.38 -22.40
C PHE A 111 -1.55 5.15 -21.22
N VAL A 112 -2.23 6.20 -20.80
CA VAL A 112 -3.05 6.15 -19.60
C VAL A 112 -4.55 6.15 -19.89
N PRO A 113 -5.19 4.99 -19.73
CA PRO A 113 -6.64 4.82 -19.88
C PRO A 113 -7.35 5.67 -18.85
N MET A 114 -8.68 5.58 -18.80
CA MET A 114 -9.43 6.34 -17.81
C MET A 114 -9.63 5.48 -16.59
N LYS A 115 -9.45 4.18 -16.79
CA LYS A 115 -9.42 3.22 -15.70
C LYS A 115 -8.44 2.13 -16.10
N GLY A 116 -7.76 1.57 -15.11
CA GLY A 116 -6.77 0.54 -15.38
C GLY A 116 -5.37 1.11 -15.42
N GLU A 117 -4.38 0.23 -15.38
CA GLU A 117 -2.98 0.66 -15.29
C GLU A 117 -2.46 1.15 -16.63
N PRO A 118 -1.58 2.15 -16.62
CA PRO A 118 -0.96 2.67 -17.83
C PRO A 118 -0.17 1.58 -18.53
N GLN A 119 -0.29 1.50 -19.85
CA GLN A 119 0.60 0.68 -20.65
C GLN A 119 1.86 1.50 -20.86
N VAL A 120 3.01 0.91 -20.54
CA VAL A 120 4.28 1.59 -20.70
C VAL A 120 5.07 0.96 -21.82
N ASN A 121 5.51 1.78 -22.77
CA ASN A 121 6.45 1.31 -23.79
C ASN A 121 7.72 2.13 -23.76
N MET A 122 8.86 1.45 -23.74
CA MET A 122 10.16 2.13 -23.87
C MET A 122 10.53 2.28 -25.34
N GLY A 123 11.47 3.19 -25.64
CA GLY A 123 11.92 3.39 -27.00
C GLY A 123 10.94 4.18 -27.85
N ALA A 124 11.45 4.81 -28.90
CA ALA A 124 10.62 5.66 -29.77
C ALA A 124 9.48 4.89 -30.43
N LEU A 125 8.58 5.63 -31.08
CA LEU A 125 7.46 5.02 -31.80
C LEU A 125 7.13 5.77 -33.07
N SER A 126 6.10 5.31 -33.78
CA SER A 126 5.71 5.93 -35.02
C SER A 126 4.26 6.38 -34.98
N LYS A 127 3.96 7.43 -35.76
CA LYS A 127 2.61 7.93 -35.93
C LYS A 127 1.63 6.75 -35.96
N GLU A 128 1.96 5.76 -36.78
CA GLU A 128 1.11 4.58 -36.94
C GLU A 128 0.96 3.80 -35.62
N GLN A 129 2.09 3.49 -34.98
CA GLN A 129 2.08 2.74 -33.74
C GLN A 129 1.35 3.49 -32.64
N LEU A 130 1.66 4.78 -32.50
CA LEU A 130 0.98 5.62 -31.52
C LEU A 130 -0.54 5.59 -31.74
N LYS A 131 -0.99 6.10 -32.90
CA LYS A 131 -2.40 6.03 -33.26
C LYS A 131 -2.97 4.67 -32.91
N GLY A 132 -2.19 3.63 -33.17
CA GLY A 132 -2.58 2.29 -32.79
C GLY A 132 -2.94 2.21 -31.32
N TYR A 133 -2.00 2.61 -30.46
CA TYR A 133 -2.21 2.57 -29.01
C TYR A 133 -3.31 3.52 -28.57
N ILE A 134 -3.41 4.65 -29.27
CA ILE A 134 -4.35 5.71 -28.92
C ILE A 134 -5.79 5.32 -29.17
N ASP A 135 -6.03 4.57 -30.25
CA ASP A 135 -7.38 4.18 -30.62
C ASP A 135 -7.82 2.94 -29.85
N LYS A 136 -6.90 1.98 -29.75
CA LYS A 136 -7.20 0.70 -29.10
C LYS A 136 -7.19 0.79 -27.57
N VAL A 137 -6.11 1.34 -27.02
CA VAL A 137 -5.91 1.33 -25.57
C VAL A 137 -6.59 2.49 -24.86
N LEU A 138 -6.63 3.65 -25.51
CA LEU A 138 -7.21 4.82 -24.88
C LEU A 138 -8.73 4.91 -25.12
N LEU A 139 -9.18 4.47 -26.29
CA LEU A 139 -10.57 4.68 -26.69
C LEU A 139 -11.21 3.42 -27.28
N GLY B 23 -1.78 21.99 -28.53
CA GLY B 23 -0.49 21.32 -28.64
C GLY B 23 -0.27 20.35 -27.49
N THR B 24 0.98 19.95 -27.28
CA THR B 24 1.33 19.04 -26.19
C THR B 24 1.56 19.85 -24.92
N ILE B 25 1.12 19.31 -23.79
CA ILE B 25 1.20 20.02 -22.52
C ILE B 25 2.40 19.57 -21.70
N HIS B 26 3.18 20.53 -21.21
CA HIS B 26 4.36 20.18 -20.42
C HIS B 26 4.08 20.13 -18.92
N LEU B 27 4.69 19.16 -18.24
CA LEU B 27 4.30 18.78 -16.89
C LEU B 27 5.42 18.86 -15.86
N THR B 28 5.17 19.55 -14.76
CA THR B 28 6.03 19.50 -13.59
C THR B 28 5.55 18.38 -12.66
N ARG B 29 6.43 17.88 -11.80
CA ARG B 29 5.97 16.88 -10.84
C ARG B 29 4.78 17.44 -10.07
N ALA B 30 4.81 18.73 -9.78
CA ALA B 30 3.72 19.36 -9.06
C ALA B 30 2.42 19.20 -9.84
N GLU B 31 2.42 19.61 -11.10
CA GLU B 31 1.25 19.45 -11.94
C GLU B 31 0.88 17.97 -12.08
N PHE B 32 1.89 17.10 -12.15
CA PHE B 32 1.67 15.67 -12.27
C PHE B 32 0.76 15.14 -11.19
N LEU B 33 0.96 15.63 -9.98
CA LEU B 33 0.18 15.20 -8.84
C LEU B 33 -1.29 15.60 -8.96
N LYS B 34 -1.53 16.72 -9.64
CA LYS B 34 -2.89 17.21 -9.77
C LYS B 34 -3.60 16.69 -11.02
N LYS B 35 -2.83 16.50 -12.08
CA LYS B 35 -3.42 16.19 -13.38
C LYS B 35 -3.36 14.72 -13.73
N ILE B 36 -2.33 14.03 -13.26
CA ILE B 36 -2.20 12.61 -13.54
C ILE B 36 -2.56 11.71 -12.36
N ALA B 37 -1.73 11.76 -11.31
CA ALA B 37 -1.86 10.83 -10.21
C ALA B 37 -1.15 11.32 -8.95
N ASP B 38 -1.88 11.34 -7.85
CA ASP B 38 -1.31 11.64 -6.55
C ASP B 38 -0.71 10.33 -6.06
N TYR B 39 0.55 10.10 -6.44
CA TYR B 39 1.09 8.75 -6.55
C TYR B 39 1.94 8.19 -5.39
N GLU B 40 2.48 9.05 -4.53
CA GLU B 40 3.38 8.55 -3.49
C GLU B 40 2.63 7.52 -2.63
N ASN B 41 3.32 6.47 -2.24
CA ASN B 41 2.74 5.41 -1.43
C ASN B 41 2.88 5.76 0.06
N HIS B 42 2.03 6.66 0.52
CA HIS B 42 2.11 7.15 1.90
C HIS B 42 1.82 6.07 2.92
N SER B 43 2.61 6.06 3.98
CA SER B 43 2.47 5.07 5.04
C SER B 43 1.02 4.95 5.47
N LYS B 44 0.56 3.72 5.56
CA LYS B 44 -0.80 3.41 5.97
C LYS B 44 -0.97 3.66 7.48
N GLU B 45 -2.03 4.33 7.87
CA GLU B 45 -2.28 4.59 9.28
C GLU B 45 -2.88 3.34 9.91
N TRP B 46 -2.60 3.14 11.19
CA TRP B 46 -3.14 1.96 11.86
C TRP B 46 -4.66 1.98 11.86
N LYS B 47 -5.26 0.92 11.33
CA LYS B 47 -6.71 0.79 11.33
C LYS B 47 -7.15 -0.62 11.63
N TYR B 48 -7.72 -0.82 12.83
CA TYR B 48 -8.22 -2.13 13.25
C TYR B 48 -9.49 -2.54 12.48
N LEU B 49 -9.52 -3.77 11.99
CA LEU B 49 -10.63 -4.25 11.17
C LEU B 49 -11.59 -5.21 11.87
N GLY B 50 -11.25 -5.65 13.08
CA GLY B 50 -12.13 -6.52 13.83
C GLY B 50 -13.37 -5.80 14.33
N ASP B 51 -14.44 -6.55 14.56
CA ASP B 51 -15.70 -5.99 15.08
C ASP B 51 -15.77 -6.05 16.62
N LYS B 52 -14.68 -6.49 17.24
CA LYS B 52 -14.56 -6.46 18.71
C LYS B 52 -13.13 -6.14 19.10
N PRO B 53 -12.93 -5.60 20.31
CA PRO B 53 -11.56 -5.44 20.82
C PRO B 53 -10.89 -6.80 20.82
N ALA B 54 -9.56 -6.83 20.81
CA ALA B 54 -8.89 -8.12 20.83
C ALA B 54 -7.57 -8.10 21.57
N ILE B 55 -7.18 -9.26 22.06
CA ILE B 55 -5.81 -9.51 22.49
C ILE B 55 -5.04 -10.22 21.37
N VAL B 56 -3.79 -9.81 21.16
CA VAL B 56 -2.93 -10.56 20.26
C VAL B 56 -1.68 -11.03 20.98
N ASP B 57 -1.52 -12.34 21.03
CA ASP B 57 -0.47 -12.91 21.83
C ASP B 57 0.62 -13.52 20.96
N PHE B 58 1.76 -12.85 20.91
CA PHE B 58 2.89 -13.35 20.16
C PHE B 58 3.73 -14.26 21.06
N TYR B 59 3.78 -15.54 20.72
CA TYR B 59 4.42 -16.50 21.60
C TYR B 59 5.33 -17.44 20.83
N ALA B 60 6.11 -18.24 21.56
CA ALA B 60 6.88 -19.33 20.97
C ALA B 60 6.87 -20.53 21.91
N ASP B 61 7.13 -21.71 21.35
CA ASP B 61 7.01 -22.98 22.06
C ASP B 61 8.15 -23.25 23.05
N TRP B 62 9.30 -22.62 22.81
CA TRP B 62 10.41 -22.75 23.74
C TRP B 62 10.29 -21.69 24.83
N CYS B 63 9.15 -21.00 24.83
CA CYS B 63 8.90 -19.93 25.79
C CYS B 63 8.34 -20.47 27.09
N GLY B 64 8.99 -20.09 28.19
CA GLY B 64 8.62 -20.57 29.51
C GLY B 64 7.29 -20.06 30.01
N PRO B 65 7.21 -18.76 30.32
CA PRO B 65 5.97 -18.20 30.85
C PRO B 65 4.78 -18.48 29.93
N CYS B 66 5.00 -18.40 28.63
CA CYS B 66 3.94 -18.65 27.65
C CYS B 66 3.17 -19.92 27.96
N LYS B 67 3.80 -20.87 28.63
CA LYS B 67 3.14 -22.12 28.97
C LYS B 67 2.25 -21.95 30.19
N MET B 68 2.74 -21.25 31.20
CA MET B 68 1.93 -20.98 32.37
C MET B 68 0.88 -19.90 32.10
N VAL B 69 0.93 -19.31 30.91
CA VAL B 69 -0.01 -18.26 30.53
C VAL B 69 -1.11 -18.74 29.58
N ALA B 70 -0.77 -19.66 28.68
CA ALA B 70 -1.74 -20.14 27.70
C ALA B 70 -3.10 -20.51 28.32
N PRO B 71 -3.08 -21.24 29.45
CA PRO B 71 -4.32 -21.65 30.12
C PRO B 71 -5.10 -20.43 30.64
N ILE B 72 -4.39 -19.53 31.32
CA ILE B 72 -4.96 -18.30 31.81
C ILE B 72 -5.67 -17.55 30.68
N LEU B 73 -5.08 -17.59 29.49
CA LEU B 73 -5.69 -16.96 28.33
C LEU B 73 -6.96 -17.70 27.92
N GLU B 74 -6.86 -19.00 27.69
CA GLU B 74 -8.04 -19.80 27.36
C GLU B 74 -9.22 -19.48 28.30
N GLU B 75 -8.90 -19.25 29.57
CA GLU B 75 -9.93 -18.97 30.56
C GLU B 75 -10.57 -17.61 30.31
N LEU B 76 -9.74 -16.59 30.09
CA LEU B 76 -10.26 -15.25 29.84
C LEU B 76 -11.06 -15.21 28.54
N SER B 77 -10.75 -16.13 27.62
CA SER B 77 -11.40 -16.15 26.32
C SER B 77 -12.86 -16.61 26.47
N LYS B 78 -13.14 -17.28 27.59
CA LYS B 78 -14.50 -17.72 27.92
C LYS B 78 -15.18 -16.68 28.78
N GLU B 79 -14.52 -16.28 29.88
CA GLU B 79 -15.05 -15.26 30.77
C GLU B 79 -15.47 -13.98 30.01
N TYR B 80 -14.78 -13.68 28.92
CA TYR B 80 -15.12 -12.51 28.11
C TYR B 80 -15.56 -12.91 26.72
N ALA B 81 -15.95 -14.18 26.56
CA ALA B 81 -16.53 -14.63 25.29
C ALA B 81 -17.64 -13.67 24.89
N GLY B 82 -17.81 -13.47 23.58
CA GLY B 82 -18.83 -12.57 23.09
C GLY B 82 -18.42 -11.12 23.16
N LYS B 83 -17.56 -10.80 24.12
CA LYS B 83 -17.14 -9.42 24.35
C LYS B 83 -15.77 -9.06 23.74
N ILE B 84 -14.83 -10.00 23.71
CA ILE B 84 -13.53 -9.78 23.08
C ILE B 84 -13.04 -11.00 22.31
N TYR B 85 -12.05 -10.80 21.45
CA TYR B 85 -11.34 -11.89 20.80
C TYR B 85 -9.93 -12.02 21.38
N ILE B 86 -9.48 -13.26 21.56
CA ILE B 86 -8.10 -13.49 21.94
C ILE B 86 -7.37 -14.25 20.83
N TYR B 87 -6.44 -13.57 20.15
CA TYR B 87 -5.68 -14.19 19.08
C TYR B 87 -4.26 -14.55 19.51
N LYS B 88 -3.78 -15.71 19.05
CA LYS B 88 -2.43 -16.14 19.33
C LYS B 88 -1.63 -16.25 18.04
N VAL B 89 -0.39 -15.81 18.08
CA VAL B 89 0.49 -15.93 16.93
C VAL B 89 1.77 -16.63 17.33
N ASN B 90 2.07 -17.72 16.62
CA ASN B 90 3.33 -18.43 16.81
C ASN B 90 4.42 -17.82 15.95
N VAL B 91 5.28 -17.02 16.56
CA VAL B 91 6.28 -16.28 15.82
C VAL B 91 7.13 -17.18 14.92
N ASP B 92 7.31 -18.43 15.33
CA ASP B 92 8.13 -19.35 14.55
C ASP B 92 7.42 -19.75 13.26
N LYS B 93 6.10 -19.88 13.33
CA LYS B 93 5.31 -20.22 12.15
C LYS B 93 4.96 -19.00 11.29
N GLU B 94 5.22 -17.80 11.83
CA GLU B 94 4.90 -16.57 11.11
C GLU B 94 6.01 -15.52 11.23
N PRO B 95 7.18 -15.82 10.66
CA PRO B 95 8.34 -14.95 10.88
C PRO B 95 8.14 -13.57 10.26
N GLU B 96 7.57 -13.51 9.06
CA GLU B 96 7.39 -12.23 8.39
C GLU B 96 6.60 -11.28 9.26
N LEU B 97 5.48 -11.76 9.78
CA LEU B 97 4.60 -10.95 10.63
C LEU B 97 5.33 -10.48 11.88
N ALA B 98 5.93 -11.42 12.60
CA ALA B 98 6.68 -11.07 13.80
C ALA B 98 7.74 -10.02 13.48
N ARG B 99 8.38 -10.17 12.34
CA ARG B 99 9.46 -9.27 11.93
C ARG B 99 8.90 -7.89 11.63
N ASP B 100 7.80 -7.86 10.87
CA ASP B 100 7.15 -6.62 10.49
C ASP B 100 6.74 -5.81 11.71
N PHE B 101 6.56 -6.49 12.83
CA PHE B 101 6.14 -5.80 14.05
C PHE B 101 7.19 -5.71 15.16
N GLY B 102 8.46 -5.89 14.80
CA GLY B 102 9.55 -5.71 15.74
C GLY B 102 9.48 -6.52 17.04
N ILE B 103 8.70 -7.61 17.03
CA ILE B 103 8.64 -8.51 18.17
C ILE B 103 10.04 -8.89 18.63
N GLN B 104 10.28 -8.89 19.94
CA GLN B 104 11.59 -9.22 20.51
C GLN B 104 11.49 -10.05 21.80
N GLY B 105 10.92 -9.48 22.84
CA GLY B 105 10.64 -10.24 24.06
C GLY B 105 9.48 -11.18 23.89
N ILE B 106 9.60 -12.38 24.43
CA ILE B 106 8.53 -13.38 24.32
C ILE B 106 8.02 -13.75 25.70
N PRO B 107 6.68 -13.72 25.89
CA PRO B 107 5.75 -13.33 24.83
C PRO B 107 5.65 -11.82 24.69
N THR B 108 5.16 -11.39 23.53
CA THR B 108 4.76 -10.00 23.36
C THR B 108 3.26 -9.98 23.21
N ILE B 109 2.60 -9.18 24.05
CA ILE B 109 1.15 -9.16 24.10
C ILE B 109 0.58 -7.82 23.68
N TRP B 110 -0.44 -7.89 22.83
CA TRP B 110 -1.08 -6.71 22.27
C TRP B 110 -2.51 -6.62 22.75
N PHE B 111 -2.89 -5.42 23.17
CA PHE B 111 -4.28 -5.14 23.50
C PHE B 111 -4.79 -4.13 22.51
N VAL B 112 -5.70 -4.57 21.65
CA VAL B 112 -6.17 -3.76 20.55
C VAL B 112 -7.63 -3.39 20.76
N PRO B 113 -7.89 -2.09 20.84
CA PRO B 113 -9.22 -1.49 21.00
C PRO B 113 -9.88 -1.29 19.65
N MET B 114 -11.18 -1.01 19.65
CA MET B 114 -11.88 -0.76 18.40
C MET B 114 -11.46 0.56 17.76
N LYS B 115 -10.89 1.46 18.57
CA LYS B 115 -10.32 2.70 18.05
C LYS B 115 -9.10 3.11 18.88
N GLY B 116 -8.07 3.61 18.21
CA GLY B 116 -6.82 3.94 18.86
C GLY B 116 -5.70 2.94 18.62
N GLU B 117 -4.51 3.31 19.07
CA GLU B 117 -3.31 2.48 18.93
C GLU B 117 -3.32 1.34 19.95
N PRO B 118 -2.83 0.17 19.53
CA PRO B 118 -2.66 -0.95 20.45
C PRO B 118 -1.65 -0.61 21.55
N GLN B 119 -1.90 -1.12 22.75
CA GLN B 119 -0.91 -1.04 23.82
C GLN B 119 -0.12 -2.34 23.81
N VAL B 120 1.18 -2.23 24.04
CA VAL B 120 2.02 -3.40 23.92
C VAL B 120 2.76 -3.68 25.23
N ASN B 121 2.63 -4.90 25.72
CA ASN B 121 3.32 -5.29 26.93
C ASN B 121 4.36 -6.37 26.68
N MET B 122 5.63 -5.99 26.83
CA MET B 122 6.73 -6.92 26.68
C MET B 122 6.76 -7.83 27.91
N GLY B 123 6.68 -9.14 27.71
CA GLY B 123 6.75 -10.07 28.83
C GLY B 123 5.43 -10.59 29.39
N ALA B 124 5.54 -11.48 30.38
CA ALA B 124 4.39 -12.20 30.92
C ALA B 124 3.51 -11.41 31.89
N LEU B 125 2.27 -11.86 32.03
CA LEU B 125 1.29 -11.21 32.92
C LEU B 125 0.37 -12.21 33.63
N SER B 126 -0.17 -11.76 34.75
CA SER B 126 -1.08 -12.58 35.55
C SER B 126 -2.52 -12.25 35.19
N LYS B 127 -3.40 -13.23 35.36
CA LYS B 127 -4.82 -13.07 35.05
C LYS B 127 -5.35 -11.73 35.57
N GLU B 128 -4.85 -11.31 36.73
CA GLU B 128 -5.26 -10.04 37.30
C GLU B 128 -4.83 -8.88 36.41
N GLN B 129 -3.53 -8.82 36.11
CA GLN B 129 -2.99 -7.75 35.29
C GLN B 129 -3.61 -7.77 33.90
N LEU B 130 -3.75 -8.96 33.33
CA LEU B 130 -4.42 -9.13 32.06
C LEU B 130 -5.80 -8.49 32.07
N LYS B 131 -6.69 -8.99 32.93
CA LYS B 131 -8.02 -8.44 33.06
C LYS B 131 -7.95 -6.91 33.18
N GLY B 132 -7.03 -6.44 34.01
CA GLY B 132 -6.84 -5.01 34.16
C GLY B 132 -6.81 -4.33 32.81
N TYR B 133 -5.96 -4.84 31.93
CA TYR B 133 -5.83 -4.27 30.60
C TYR B 133 -7.06 -4.53 29.74
N ILE B 134 -7.70 -5.69 29.93
CA ILE B 134 -8.89 -6.05 29.16
C ILE B 134 -10.04 -5.10 29.47
N ASP B 135 -10.22 -4.80 30.75
CA ASP B 135 -11.28 -3.92 31.20
C ASP B 135 -10.95 -2.49 30.84
N LYS B 136 -9.79 -2.03 31.31
CA LYS B 136 -9.42 -0.64 31.23
C LYS B 136 -9.13 -0.17 29.81
N VAL B 137 -8.66 -1.08 28.96
CA VAL B 137 -8.18 -0.70 27.63
C VAL B 137 -9.06 -1.22 26.50
N LEU B 138 -9.41 -2.50 26.57
CA LEU B 138 -10.24 -3.10 25.53
C LEU B 138 -11.69 -2.65 25.61
N LEU B 139 -12.16 -2.32 26.80
CA LEU B 139 -13.56 -2.04 27.02
C LEU B 139 -13.81 -0.61 27.53
N LYS B 140 -12.78 0.23 27.49
CA LYS B 140 -12.92 1.63 27.82
C LYS B 140 -13.61 1.84 29.16
N GLN B 141 -13.57 0.82 30.01
CA GLN B 141 -14.16 0.94 31.36
C GLN B 141 -13.62 2.19 32.04
ZN ZN C . 8.86 10.59 -4.49
ZN ZN D . 6.15 -6.90 5.36
#